data_3LP8
#
_entry.id   3LP8
#
_cell.length_a   49.850
_cell.length_b   74.160
_cell.length_c   107.290
_cell.angle_alpha   90.00
_cell.angle_beta   90.00
_cell.angle_gamma   90.00
#
_symmetry.space_group_name_H-M   'P 21 21 21'
#
loop_
_entity.id
_entity.type
_entity.pdbx_description
1 polymer 'Phosphoribosylamine-glycine ligase'
2 non-polymer 'PHOSPHATE ION'
3 non-polymer 'UNKNOWN ATOM OR ION'
4 water water
#
_entity_poly.entity_id   1
_entity_poly.type   'polypeptide(L)'
_entity_poly.pdbx_seq_one_letter_code
;MAHHHHHHMGTLEAQTQGPGSMNVLVIGSGGREHSMLHHIRKSTLLNKLFIAPGREGMSGLADIIDIDINSTIEVIQVCK
KEKIELVVIGPETPLMNGLSDALTEEGILVFGPSKAAARLESSKGFTKELCMRYGIPTAKYGYFVDTNSAYKFIDKHKLP
LVVKADGLAQGKGTVICHTHEEAYNAVDAMLVHHKFGEAGCAIIIEEFLEGKEISFFTLVDGSNPVILGVAQDYKTIGDN
NKGPNTGGMGSYSKPNIITQEMEHIIIQKIIYPTIKAMFNMNIQFRGLLFAGIIIKKNEPKLLEYNVRFGDPETQSILPR
LNSDFLKLLSLTAKGKLGNESVELSKKAALCVVVASRGYPGEYKKNSIINGIENIEKLPNVQLLHAGTRREGNNWVSDSG
RVINVVAQGENLASAKHQAYAALDLLDWPDGIYRYDIGSCAL
;
_entity_poly.pdbx_strand_id   A
#
# COMPACT_ATOMS: atom_id res chain seq x y z
N GLY A 20 15.16 -23.48 8.50
CA GLY A 20 13.95 -23.42 7.63
C GLY A 20 14.12 -24.10 6.27
N SER A 21 13.01 -24.54 5.67
CA SER A 21 13.05 -25.18 4.35
C SER A 21 12.29 -24.44 3.25
N MET A 22 11.62 -23.33 3.59
CA MET A 22 10.81 -22.57 2.64
C MET A 22 11.64 -21.53 1.87
N ASN A 23 11.67 -21.67 0.54
CA ASN A 23 12.30 -20.65 -0.29
C ASN A 23 11.21 -19.70 -0.71
N VAL A 24 11.49 -18.41 -0.56
CA VAL A 24 10.53 -17.37 -0.73
C VAL A 24 11.04 -16.33 -1.74
N LEU A 25 10.15 -15.93 -2.65
CA LEU A 25 10.40 -14.92 -3.67
C LEU A 25 9.42 -13.79 -3.46
N VAL A 26 9.94 -12.60 -3.10
CA VAL A 26 9.15 -11.37 -3.03
C VAL A 26 9.21 -10.63 -4.38
N ILE A 27 8.05 -10.17 -4.85
CA ILE A 27 7.94 -9.41 -6.10
C ILE A 27 7.78 -7.92 -5.77
N GLY A 28 8.68 -7.10 -6.29
CA GLY A 28 8.58 -5.64 -6.16
C GLY A 28 9.94 -5.01 -5.85
N SER A 29 9.93 -3.72 -5.58
CA SER A 29 11.22 -2.99 -5.48
C SER A 29 11.18 -1.70 -4.70
N GLY A 30 10.22 -1.57 -3.78
CA GLY A 30 10.06 -0.34 -3.00
C GLY A 30 10.27 -0.51 -1.51
N GLY A 31 9.99 0.53 -0.74
CA GLY A 31 10.16 0.45 0.71
C GLY A 31 9.32 -0.62 1.40
N ARG A 32 8.10 -0.81 0.95
CA ARG A 32 7.24 -1.87 1.47
C ARG A 32 7.93 -3.23 1.38
N GLU A 33 8.51 -3.52 0.22
CA GLU A 33 9.15 -4.81 0.02
C GLU A 33 10.40 -4.94 0.85
N HIS A 34 11.17 -3.88 0.99
CA HIS A 34 12.40 -3.94 1.78
C HIS A 34 12.00 -4.28 3.22
N SER A 35 10.94 -3.64 3.70
CA SER A 35 10.41 -3.96 5.02
C SER A 35 9.96 -5.42 5.11
N MET A 36 9.26 -5.89 4.09
CA MET A 36 8.82 -7.29 4.08
C MET A 36 10.02 -8.22 4.22
N LEU A 37 11.07 -7.99 3.41
CA LEU A 37 12.29 -8.80 3.50
C LEU A 37 12.84 -8.81 4.91
N HIS A 38 13.00 -7.63 5.49
CA HIS A 38 13.52 -7.52 6.83
C HIS A 38 12.73 -8.45 7.76
N HIS A 39 11.40 -8.43 7.65
CA HIS A 39 10.59 -9.21 8.59
C HIS A 39 10.43 -10.68 8.23
N ILE A 40 10.41 -11.01 6.95
CA ILE A 40 10.44 -12.40 6.51
C ILE A 40 11.73 -13.08 6.98
N ARG A 41 12.84 -12.34 6.95
CA ARG A 41 14.17 -12.84 7.34
C ARG A 41 14.22 -13.32 8.81
N LYS A 42 13.31 -12.83 9.65
CA LYS A 42 13.20 -13.29 11.04
C LYS A 42 12.58 -14.70 11.25
N SER A 43 11.95 -15.27 10.22
CA SER A 43 11.22 -16.54 10.39
C SER A 43 12.16 -17.74 10.46
N THR A 44 11.93 -18.62 11.43
CA THR A 44 12.58 -19.93 11.45
C THR A 44 12.12 -20.85 10.31
N LEU A 45 11.03 -20.49 9.60
CA LEU A 45 10.58 -21.30 8.45
C LEU A 45 11.34 -21.04 7.16
N LEU A 46 12.11 -19.95 7.11
CA LEU A 46 12.71 -19.49 5.85
C LEU A 46 14.00 -20.22 5.55
N ASN A 47 14.20 -20.62 4.29
CA ASN A 47 15.51 -21.14 3.86
C ASN A 47 16.23 -20.03 3.09
N LYS A 48 15.96 -19.91 1.79
CA LYS A 48 16.56 -18.88 0.92
C LYS A 48 15.55 -17.79 0.60
N LEU A 49 16.01 -16.55 0.53
CA LEU A 49 15.15 -15.39 0.27
C LEU A 49 15.61 -14.62 -0.95
N PHE A 50 14.66 -14.35 -1.84
CA PHE A 50 14.90 -13.66 -3.12
C PHE A 50 13.93 -12.49 -3.31
N ILE A 51 14.35 -11.50 -4.08
CA ILE A 51 13.45 -10.43 -4.53
C ILE A 51 13.69 -10.09 -6.00
N ALA A 52 12.59 -9.92 -6.72
CA ALA A 52 12.61 -9.51 -8.12
C ALA A 52 11.69 -8.31 -8.31
N PRO A 53 12.22 -7.22 -8.89
CA PRO A 53 13.63 -7.05 -9.22
C PRO A 53 14.43 -6.55 -8.01
N GLY A 54 13.73 -6.13 -6.95
CA GLY A 54 14.42 -5.60 -5.78
C GLY A 54 15.22 -4.35 -6.11
N ARG A 55 16.22 -4.09 -5.27
CA ARG A 55 17.16 -2.98 -5.43
C ARG A 55 18.46 -3.40 -4.75
N GLU A 56 19.56 -2.81 -5.19
CA GLU A 56 20.88 -3.19 -4.68
C GLU A 56 20.95 -2.96 -3.16
N GLY A 57 20.39 -1.85 -2.69
CA GLY A 57 20.33 -1.58 -1.25
C GLY A 57 19.64 -2.64 -0.37
N MET A 58 18.88 -3.56 -1.00
CA MET A 58 18.25 -4.66 -0.28
C MET A 58 19.07 -5.94 -0.33
N SER A 59 20.22 -5.91 -1.00
CA SER A 59 20.95 -7.13 -1.27
C SER A 59 21.53 -7.83 -0.03
N GLY A 60 21.63 -7.11 1.09
CA GLY A 60 22.01 -7.71 2.38
C GLY A 60 21.02 -8.77 2.87
N LEU A 61 19.75 -8.63 2.46
CA LEU A 61 18.66 -9.46 2.98
C LEU A 61 18.29 -10.59 2.04
N ALA A 62 18.63 -10.45 0.76
CA ALA A 62 18.09 -11.32 -0.24
C ALA A 62 18.89 -11.25 -1.51
N ASP A 63 18.84 -12.34 -2.29
CA ASP A 63 19.38 -12.31 -3.62
C ASP A 63 18.44 -11.52 -4.52
N ILE A 64 19.03 -10.54 -5.22
CA ILE A 64 18.35 -9.68 -6.15
C ILE A 64 18.25 -10.40 -7.51
N ILE A 65 17.05 -10.52 -8.06
CA ILE A 65 16.85 -11.15 -9.36
C ILE A 65 16.42 -10.12 -10.40
N ASP A 66 17.22 -9.96 -11.45
CA ASP A 66 16.93 -8.99 -12.49
C ASP A 66 16.02 -9.62 -13.58
N ILE A 67 14.72 -9.48 -13.41
CA ILE A 67 13.76 -9.90 -14.42
C ILE A 67 12.67 -8.86 -14.55
N ASP A 68 11.95 -8.93 -15.66
CA ASP A 68 10.78 -8.11 -15.88
C ASP A 68 9.60 -8.82 -15.21
N ILE A 69 9.11 -8.25 -14.11
CA ILE A 69 8.05 -8.89 -13.32
C ILE A 69 6.68 -8.79 -14.02
N ASN A 70 6.60 -7.97 -15.06
CA ASN A 70 5.41 -7.94 -15.92
C ASN A 70 5.35 -9.14 -16.86
N SER A 71 6.42 -9.94 -16.89
CA SER A 71 6.41 -11.17 -17.63
C SER A 71 6.16 -12.37 -16.71
N THR A 72 4.91 -12.82 -16.70
CA THR A 72 4.52 -14.03 -16.03
C THR A 72 5.53 -15.14 -16.27
N ILE A 73 5.89 -15.33 -17.54
CA ILE A 73 6.80 -16.42 -17.93
C ILE A 73 8.17 -16.27 -17.21
N GLU A 74 8.73 -15.07 -17.17
CA GLU A 74 10.00 -14.90 -16.47
C GLU A 74 9.88 -15.18 -14.97
N VAL A 75 8.78 -14.77 -14.36
CA VAL A 75 8.60 -15.03 -12.93
C VAL A 75 8.55 -16.55 -12.68
N ILE A 76 7.74 -17.26 -13.47
CA ILE A 76 7.63 -18.72 -13.37
C ILE A 76 8.99 -19.43 -13.56
N GLN A 77 9.81 -18.93 -14.49
CA GLN A 77 11.15 -19.51 -14.74
C GLN A 77 12.06 -19.35 -13.53
N VAL A 78 12.03 -18.18 -12.90
CA VAL A 78 12.75 -17.98 -11.63
C VAL A 78 12.28 -18.95 -10.53
N CYS A 79 10.96 -19.15 -10.42
CA CYS A 79 10.42 -20.07 -9.42
C CYS A 79 10.86 -21.51 -9.63
N LYS A 80 10.93 -21.96 -10.88
CA LYS A 80 11.42 -23.33 -11.16
C LYS A 80 12.92 -23.43 -10.91
N LYS A 81 13.69 -22.50 -11.49
CA LYS A 81 15.14 -22.46 -11.26
C LYS A 81 15.51 -22.49 -9.77
N GLU A 82 14.90 -21.61 -8.98
CA GLU A 82 15.27 -21.48 -7.56
C GLU A 82 14.46 -22.33 -6.56
N LYS A 83 13.57 -23.20 -7.03
CA LYS A 83 12.78 -24.03 -6.13
C LYS A 83 12.03 -23.15 -5.13
N ILE A 84 11.25 -22.21 -5.66
CA ILE A 84 10.50 -21.27 -4.83
C ILE A 84 9.23 -21.93 -4.36
N GLU A 85 8.94 -21.86 -3.07
CA GLU A 85 7.70 -22.47 -2.56
C GLU A 85 6.58 -21.45 -2.30
N LEU A 86 6.95 -20.21 -1.99
CA LEU A 86 5.98 -19.16 -1.80
C LEU A 86 6.42 -17.87 -2.50
N VAL A 87 5.52 -17.31 -3.32
CA VAL A 87 5.70 -16.00 -3.92
C VAL A 87 4.83 -14.98 -3.16
N VAL A 88 5.43 -13.86 -2.78
CA VAL A 88 4.77 -12.77 -2.06
C VAL A 88 4.78 -11.53 -2.97
N ILE A 89 3.61 -11.15 -3.48
CA ILE A 89 3.54 -10.09 -4.45
C ILE A 89 3.31 -8.76 -3.72
N GLY A 90 4.26 -7.83 -3.88
CA GLY A 90 4.19 -6.52 -3.23
C GLY A 90 3.19 -5.58 -3.85
N PRO A 91 3.41 -5.24 -5.15
CA PRO A 91 2.60 -4.20 -5.80
C PRO A 91 1.38 -4.70 -6.57
N GLU A 92 0.52 -3.75 -6.93
CA GLU A 92 -0.78 -4.02 -7.52
C GLU A 92 -0.76 -4.42 -9.01
N THR A 93 0.13 -3.86 -9.81
CA THR A 93 0.07 -4.10 -11.27
C THR A 93 0.19 -5.60 -11.66
N PRO A 94 1.14 -6.34 -11.07
CA PRO A 94 1.18 -7.77 -11.44
C PRO A 94 -0.09 -8.50 -10.98
N LEU A 95 -0.73 -8.04 -9.91
CA LEU A 95 -1.97 -8.69 -9.49
C LEU A 95 -3.07 -8.47 -10.55
N MET A 96 -3.16 -7.23 -11.01
CA MET A 96 -4.06 -6.85 -12.06
C MET A 96 -3.75 -7.64 -13.34
N ASN A 97 -2.48 -7.91 -13.59
CA ASN A 97 -2.10 -8.69 -14.77
C ASN A 97 -2.20 -10.21 -14.59
N GLY A 98 -2.73 -10.67 -13.46
CA GLY A 98 -2.97 -12.10 -13.27
C GLY A 98 -1.74 -12.95 -12.95
N LEU A 99 -0.71 -12.35 -12.36
CA LEU A 99 0.50 -13.10 -11.98
C LEU A 99 0.12 -14.21 -10.99
N SER A 100 -0.79 -13.89 -10.10
CA SER A 100 -1.20 -14.84 -9.09
C SER A 100 -1.85 -16.07 -9.74
N ASP A 101 -2.75 -15.84 -10.70
CA ASP A 101 -3.38 -16.94 -11.45
C ASP A 101 -2.37 -17.78 -12.20
N ALA A 102 -1.39 -17.14 -12.83
CA ALA A 102 -0.37 -17.86 -13.61
C ALA A 102 0.49 -18.77 -12.71
N LEU A 103 0.83 -18.29 -11.52
CA LEU A 103 1.58 -19.08 -10.53
C LEU A 103 0.78 -20.28 -9.99
N THR A 104 -0.48 -20.02 -9.63
CA THR A 104 -1.40 -21.06 -9.15
C THR A 104 -1.60 -22.16 -10.20
N GLU A 105 -1.80 -21.75 -11.46
CA GLU A 105 -1.87 -22.73 -12.54
C GLU A 105 -0.63 -23.62 -12.63
N GLU A 106 0.52 -23.14 -12.20
CA GLU A 106 1.75 -23.94 -12.18
C GLU A 106 1.96 -24.71 -10.88
N GLY A 107 1.04 -24.59 -9.93
CA GLY A 107 1.18 -25.27 -8.65
C GLY A 107 2.20 -24.64 -7.72
N ILE A 108 2.36 -23.32 -7.83
CA ILE A 108 3.25 -22.55 -6.98
C ILE A 108 2.37 -21.75 -6.04
N LEU A 109 2.58 -21.91 -4.75
CA LEU A 109 1.91 -21.09 -3.73
C LEU A 109 2.18 -19.58 -3.91
N VAL A 110 1.12 -18.79 -3.87
CA VAL A 110 1.24 -17.33 -4.04
C VAL A 110 0.47 -16.58 -2.97
N PHE A 111 1.10 -15.60 -2.33
CA PHE A 111 0.37 -14.67 -1.48
C PHE A 111 -0.05 -13.47 -2.35
N GLY A 112 -1.32 -13.42 -2.69
CA GLY A 112 -1.90 -12.29 -3.45
C GLY A 112 -3.11 -12.78 -4.20
N PRO A 113 -4.07 -11.89 -4.46
CA PRO A 113 -5.35 -12.35 -5.05
C PRO A 113 -5.29 -12.69 -6.54
N SER A 114 -6.30 -13.43 -6.98
CA SER A 114 -6.57 -13.64 -8.38
C SER A 114 -6.92 -12.31 -9.05
N LYS A 115 -6.79 -12.28 -10.37
CA LYS A 115 -7.08 -11.09 -11.16
C LYS A 115 -8.49 -10.61 -10.90
N ALA A 116 -9.40 -11.59 -10.84
CA ALA A 116 -10.82 -11.34 -10.65
C ALA A 116 -11.08 -10.72 -9.28
N ALA A 117 -10.37 -11.22 -8.27
CA ALA A 117 -10.48 -10.66 -6.91
C ALA A 117 -9.79 -9.29 -6.82
N ALA A 118 -8.73 -9.10 -7.60
CA ALA A 118 -7.94 -7.86 -7.62
C ALA A 118 -8.75 -6.68 -8.20
N ARG A 119 -9.88 -6.96 -8.85
CA ARG A 119 -10.77 -5.89 -9.33
C ARG A 119 -11.26 -4.97 -8.19
N LEU A 120 -11.18 -5.41 -6.94
CA LEU A 120 -11.58 -4.53 -5.84
C LEU A 120 -10.75 -3.27 -5.84
N GLU A 121 -9.49 -3.38 -6.30
CA GLU A 121 -8.61 -2.24 -6.47
C GLU A 121 -8.50 -1.82 -7.94
N SER A 122 -8.37 -2.76 -8.88
CA SER A 122 -8.10 -2.33 -10.29
C SER A 122 -9.28 -1.61 -10.93
N SER A 123 -10.47 -1.76 -10.37
CA SER A 123 -11.60 -0.88 -10.69
C SER A 123 -12.31 -0.38 -9.41
N LYS A 124 -12.13 0.90 -9.11
CA LYS A 124 -12.77 1.48 -7.96
C LYS A 124 -14.28 1.41 -8.12
N GLY A 125 -14.78 1.53 -9.33
CA GLY A 125 -16.19 1.31 -9.62
C GLY A 125 -16.72 -0.09 -9.31
N PHE A 126 -15.87 -1.11 -9.50
CA PHE A 126 -16.21 -2.48 -9.09
C PHE A 126 -16.56 -2.49 -7.60
N THR A 127 -15.70 -1.89 -6.80
CA THR A 127 -15.92 -1.88 -5.38
C THR A 127 -17.18 -1.10 -5.03
N LYS A 128 -17.40 0.05 -5.68
CA LYS A 128 -18.57 0.89 -5.33
C LYS A 128 -19.88 0.14 -5.59
N GLU A 129 -19.98 -0.53 -6.73
CA GLU A 129 -21.16 -1.34 -7.06
C GLU A 129 -21.40 -2.44 -6.05
N LEU A 130 -20.34 -3.13 -5.68
CA LEU A 130 -20.43 -4.19 -4.67
C LEU A 130 -20.97 -3.62 -3.37
N CYS A 131 -20.46 -2.44 -2.99
CA CYS A 131 -20.94 -1.77 -1.78
C CYS A 131 -22.44 -1.44 -1.85
N MET A 132 -22.86 -0.95 -3.01
CA MET A 132 -24.26 -0.62 -3.20
C MET A 132 -25.13 -1.89 -3.12
N ARG A 133 -24.72 -2.94 -3.82
CA ARG A 133 -25.49 -4.17 -3.90
C ARG A 133 -25.56 -4.90 -2.58
N TYR A 134 -24.47 -4.90 -1.81
CA TYR A 134 -24.39 -5.67 -0.57
C TYR A 134 -24.56 -4.83 0.69
N GLY A 135 -24.91 -3.54 0.55
CA GLY A 135 -25.16 -2.66 1.70
C GLY A 135 -23.93 -2.34 2.56
N ILE A 136 -22.81 -1.99 1.92
CA ILE A 136 -21.56 -1.72 2.64
C ILE A 136 -21.39 -0.20 2.66
N PRO A 137 -21.23 0.40 3.87
CA PRO A 137 -21.19 1.86 3.94
C PRO A 137 -19.96 2.45 3.24
N THR A 138 -20.19 3.45 2.39
CA THR A 138 -19.18 4.09 1.56
C THR A 138 -19.72 5.44 1.07
N ALA A 139 -18.89 6.22 0.38
CA ALA A 139 -19.32 7.54 -0.15
C ALA A 139 -20.33 7.38 -1.30
N LYS A 140 -21.37 8.22 -1.32
CA LYS A 140 -22.23 8.28 -2.50
C LYS A 140 -21.34 8.69 -3.65
N TYR A 141 -21.68 8.20 -4.83
CA TYR A 141 -20.80 8.30 -5.96
C TYR A 141 -21.54 8.24 -7.30
N GLY A 142 -20.81 8.55 -8.36
CA GLY A 142 -21.19 8.20 -9.71
C GLY A 142 -19.98 7.69 -10.46
N TYR A 143 -20.24 6.84 -11.45
CA TYR A 143 -19.20 6.27 -12.34
C TYR A 143 -19.38 6.84 -13.76
N PHE A 144 -18.30 7.35 -14.36
CA PHE A 144 -18.38 7.99 -15.69
C PHE A 144 -17.23 7.67 -16.66
N VAL A 145 -17.58 7.73 -17.94
CA VAL A 145 -16.66 7.50 -19.06
C VAL A 145 -16.70 8.64 -20.10
N ASP A 146 -17.38 9.75 -19.80
CA ASP A 146 -17.41 10.91 -20.70
C ASP A 146 -17.80 12.18 -19.94
N THR A 147 -17.31 13.33 -20.42
CA THR A 147 -17.42 14.57 -19.63
C THR A 147 -18.82 15.14 -19.61
N ASN A 148 -19.67 14.74 -20.55
CA ASN A 148 -21.06 15.20 -20.56
C ASN A 148 -21.82 14.71 -19.31
N SER A 149 -21.81 13.40 -19.09
CA SER A 149 -22.38 12.78 -17.89
C SER A 149 -21.67 13.23 -16.61
N ALA A 150 -20.34 13.29 -16.64
CA ALA A 150 -19.58 13.74 -15.48
C ALA A 150 -19.94 15.18 -15.04
N TYR A 151 -20.01 16.12 -16.00
CA TYR A 151 -20.33 17.54 -15.72
C TYR A 151 -21.74 17.70 -15.16
N LYS A 152 -22.67 16.93 -15.72
CA LYS A 152 -24.07 16.97 -15.25
C LYS A 152 -24.20 16.44 -13.81
N PHE A 153 -23.39 15.45 -13.45
CA PHE A 153 -23.29 14.99 -12.04
C PHE A 153 -22.66 16.05 -11.14
N ILE A 154 -21.57 16.64 -11.61
CA ILE A 154 -20.89 17.72 -10.89
C ILE A 154 -21.87 18.85 -10.58
N ASP A 155 -22.68 19.22 -11.56
CA ASP A 155 -23.56 20.36 -11.42
C ASP A 155 -24.77 20.14 -10.48
N LYS A 156 -25.17 18.89 -10.26
CA LYS A 156 -26.25 18.60 -9.32
C LYS A 156 -25.68 18.37 -7.91
N HIS A 157 -24.36 18.14 -7.84
CA HIS A 157 -23.70 17.63 -6.65
C HIS A 157 -23.24 18.74 -5.76
N LYS A 158 -23.25 18.45 -4.46
CA LYS A 158 -22.77 19.33 -3.42
C LYS A 158 -21.23 19.32 -3.43
N LEU A 159 -20.63 20.41 -2.99
CA LEU A 159 -19.18 20.50 -2.89
C LEU A 159 -18.76 20.45 -1.42
N PRO A 160 -17.52 20.01 -1.14
CA PRO A 160 -16.56 19.50 -2.12
C PRO A 160 -16.90 18.09 -2.57
N LEU A 161 -16.25 17.68 -3.65
CA LEU A 161 -16.34 16.31 -4.14
C LEU A 161 -14.97 15.82 -4.60
N VAL A 162 -14.86 14.51 -4.70
CA VAL A 162 -13.60 13.86 -4.97
C VAL A 162 -13.68 13.16 -6.31
N VAL A 163 -12.73 13.48 -7.19
CA VAL A 163 -12.63 12.86 -8.50
C VAL A 163 -11.50 11.86 -8.44
N LYS A 164 -11.75 10.64 -8.88
CA LYS A 164 -10.76 9.58 -8.85
C LYS A 164 -10.69 8.84 -10.19
N ALA A 165 -9.46 8.61 -10.69
CA ALA A 165 -9.25 7.59 -11.73
C ALA A 165 -9.81 6.24 -11.28
N ASP A 166 -10.53 5.59 -12.16
CA ASP A 166 -11.05 4.27 -11.85
C ASP A 166 -9.95 3.20 -11.70
N GLY A 167 -8.90 3.27 -12.53
CA GLY A 167 -7.82 2.29 -12.55
C GLY A 167 -6.66 2.53 -11.58
N LEU A 168 -5.53 1.87 -11.82
CA LEU A 168 -4.36 1.93 -10.94
C LEU A 168 -3.53 3.22 -11.17
N ALA A 169 -3.85 4.28 -10.43
CA ALA A 169 -3.17 5.56 -10.64
C ALA A 169 -2.18 5.87 -9.51
N GLN A 170 -1.74 4.81 -8.82
CA GLN A 170 -0.73 4.86 -7.78
CA GLN A 170 -0.68 4.94 -7.81
C GLN A 170 -1.07 5.90 -6.67
N GLY A 171 -2.37 6.05 -6.40
CA GLY A 171 -2.85 7.04 -5.44
C GLY A 171 -2.78 8.49 -5.90
N LYS A 172 -2.28 8.73 -7.11
CA LYS A 172 -2.09 10.12 -7.59
C LYS A 172 -3.28 10.62 -8.38
N GLY A 173 -4.11 9.68 -8.86
CA GLY A 173 -5.28 10.05 -9.64
C GLY A 173 -6.48 10.29 -8.74
N THR A 174 -6.27 10.96 -7.61
CA THR A 174 -7.33 11.30 -6.67
C THR A 174 -7.20 12.79 -6.32
N VAL A 175 -8.25 13.56 -6.63
CA VAL A 175 -8.26 15.02 -6.50
C VAL A 175 -9.50 15.50 -5.75
N ILE A 176 -9.29 16.23 -4.65
CA ILE A 176 -10.38 16.83 -3.90
C ILE A 176 -10.70 18.14 -4.58
N CYS A 177 -11.95 18.36 -4.94
CA CYS A 177 -12.31 19.55 -5.71
C CYS A 177 -13.28 20.39 -4.88
N HIS A 178 -12.86 21.62 -4.58
CA HIS A 178 -13.63 22.54 -3.76
C HIS A 178 -14.43 23.54 -4.59
N THR A 179 -14.18 23.57 -5.90
CA THR A 179 -15.01 24.36 -6.85
C THR A 179 -15.44 23.47 -8.04
N HIS A 180 -16.55 23.83 -8.67
CA HIS A 180 -17.00 23.08 -9.83
C HIS A 180 -15.92 23.13 -10.93
N GLU A 181 -15.26 24.28 -11.07
CA GLU A 181 -14.22 24.45 -12.10
C GLU A 181 -13.03 23.50 -11.87
N GLU A 182 -12.60 23.35 -10.63
CA GLU A 182 -11.58 22.36 -10.30
C GLU A 182 -12.05 20.92 -10.67
N ALA A 183 -13.33 20.62 -10.46
CA ALA A 183 -13.87 19.30 -10.83
C ALA A 183 -13.85 19.08 -12.37
N TYR A 184 -14.20 20.12 -13.13
CA TYR A 184 -14.19 20.01 -14.59
C TYR A 184 -12.79 19.72 -15.08
N ASN A 185 -11.81 20.44 -14.54
CA ASN A 185 -10.41 20.21 -14.84
C ASN A 185 -9.96 18.84 -14.46
N ALA A 186 -10.35 18.33 -13.30
CA ALA A 186 -9.92 16.98 -12.93
C ALA A 186 -10.52 15.93 -13.87
N VAL A 187 -11.80 16.08 -14.20
CA VAL A 187 -12.45 15.17 -15.10
C VAL A 187 -11.89 15.24 -16.54
N ASP A 188 -11.55 16.44 -17.04
CA ASP A 188 -10.95 16.56 -18.37
C ASP A 188 -9.60 15.84 -18.40
N ALA A 189 -8.76 16.15 -17.42
CA ALA A 189 -7.42 15.57 -17.30
C ALA A 189 -7.43 14.03 -17.44
N MET A 190 -8.46 13.38 -16.91
CA MET A 190 -8.56 11.93 -16.94
C MET A 190 -9.26 11.42 -18.20
N LEU A 191 -10.47 11.89 -18.45
CA LEU A 191 -11.31 11.33 -19.51
C LEU A 191 -10.98 11.87 -20.90
N VAL A 192 -10.60 13.14 -20.98
CA VAL A 192 -10.40 13.80 -22.27
C VAL A 192 -8.92 13.86 -22.61
N HIS A 193 -8.09 14.39 -21.72
CA HIS A 193 -6.66 14.59 -21.99
C HIS A 193 -5.78 13.41 -21.58
N HIS A 194 -6.39 12.35 -21.01
CA HIS A 194 -5.69 11.08 -20.82
C HIS A 194 -4.41 11.25 -20.00
N LYS A 195 -4.41 12.16 -19.03
CA LYS A 195 -3.21 12.44 -18.23
C LYS A 195 -2.72 11.27 -17.37
N PHE A 196 -3.59 10.28 -17.12
CA PHE A 196 -3.25 9.13 -16.26
C PHE A 196 -3.35 7.79 -17.01
N GLY A 197 -3.10 7.81 -18.32
CA GLY A 197 -3.16 6.59 -19.13
C GLY A 197 -4.53 5.96 -19.09
N GLU A 198 -4.59 4.64 -19.29
CA GLU A 198 -5.85 3.87 -19.23
C GLU A 198 -6.55 3.96 -17.87
N ALA A 199 -5.78 4.15 -16.79
CA ALA A 199 -6.35 4.23 -15.45
C ALA A 199 -7.42 5.32 -15.36
N GLY A 200 -7.26 6.40 -16.16
CA GLY A 200 -8.23 7.53 -16.22
C GLY A 200 -9.34 7.42 -17.27
N CYS A 201 -9.32 6.38 -18.07
CA CYS A 201 -10.39 6.15 -19.07
C CYS A 201 -11.79 6.00 -18.49
N ALA A 202 -11.89 5.74 -17.19
CA ALA A 202 -13.14 5.88 -16.47
C ALA A 202 -12.80 6.49 -15.11
N ILE A 203 -13.82 7.05 -14.48
CA ILE A 203 -13.62 7.76 -13.21
C ILE A 203 -14.83 7.51 -12.32
N ILE A 204 -14.65 7.79 -11.04
CA ILE A 204 -15.77 7.88 -10.13
C ILE A 204 -15.68 9.26 -9.51
N ILE A 205 -16.83 9.82 -9.16
CA ILE A 205 -16.89 11.11 -8.48
C ILE A 205 -17.68 10.84 -7.23
N GLU A 206 -17.10 11.17 -6.08
CA GLU A 206 -17.71 10.78 -4.81
C GLU A 206 -17.95 12.02 -3.96
N GLU A 207 -18.94 11.92 -3.08
CA GLU A 207 -19.14 12.90 -2.03
C GLU A 207 -17.88 12.91 -1.14
N PHE A 208 -17.54 14.10 -0.65
CA PHE A 208 -16.41 14.30 0.26
C PHE A 208 -16.87 13.92 1.67
N LEU A 209 -16.23 12.93 2.27
CA LEU A 209 -16.57 12.53 3.62
C LEU A 209 -15.61 13.14 4.61
N GLU A 210 -16.14 13.61 5.75
CA GLU A 210 -15.31 14.04 6.86
C GLU A 210 -15.16 12.95 7.92
N GLY A 211 -14.09 13.07 8.69
CA GLY A 211 -13.82 12.22 9.84
C GLY A 211 -12.37 11.81 9.95
N LYS A 212 -12.13 10.80 10.78
CA LYS A 212 -10.78 10.25 10.98
C LYS A 212 -10.50 9.13 9.94
N GLU A 213 -9.43 9.33 9.17
CA GLU A 213 -9.03 8.38 8.13
C GLU A 213 -7.95 7.50 8.66
N ILE A 214 -8.13 6.19 8.49
CA ILE A 214 -7.14 5.21 8.90
C ILE A 214 -6.92 4.18 7.77
N SER A 215 -5.84 3.42 7.90
CA SER A 215 -5.55 2.31 7.02
C SER A 215 -5.74 1.05 7.80
N PHE A 216 -6.55 0.15 7.29
CA PHE A 216 -6.97 -1.02 8.03
C PHE A 216 -6.56 -2.28 7.24
N PHE A 217 -5.57 -3.03 7.78
CA PHE A 217 -5.00 -4.23 7.12
C PHE A 217 -5.61 -5.52 7.69
N THR A 218 -6.18 -6.35 6.81
CA THR A 218 -6.75 -7.66 7.17
C THR A 218 -6.17 -8.73 6.26
N LEU A 219 -5.63 -9.78 6.85
CA LEU A 219 -5.29 -10.99 6.12
C LEU A 219 -6.56 -11.79 5.85
N VAL A 220 -6.71 -12.27 4.62
CA VAL A 220 -7.91 -12.98 4.22
C VAL A 220 -7.50 -14.22 3.43
N ASP A 221 -7.92 -15.40 3.89
CA ASP A 221 -7.51 -16.66 3.29
C ASP A 221 -8.55 -17.21 2.30
N GLY A 222 -9.42 -16.33 1.79
CA GLY A 222 -10.54 -16.78 0.98
C GLY A 222 -11.86 -16.65 1.70
N SER A 223 -11.92 -17.03 2.97
CA SER A 223 -13.17 -16.90 3.76
C SER A 223 -13.02 -16.36 5.18
N ASN A 224 -11.85 -16.50 5.80
CA ASN A 224 -11.65 -16.05 7.17
C ASN A 224 -10.79 -14.78 7.17
N PRO A 225 -11.32 -13.69 7.73
CA PRO A 225 -10.54 -12.46 7.91
C PRO A 225 -9.82 -12.46 9.23
N VAL A 226 -8.56 -12.05 9.23
CA VAL A 226 -7.79 -11.90 10.46
C VAL A 226 -7.14 -10.52 10.42
N ILE A 227 -7.44 -9.67 11.41
CA ILE A 227 -6.91 -8.30 11.43
C ILE A 227 -5.39 -8.40 11.64
N LEU A 228 -4.64 -7.70 10.80
CA LEU A 228 -3.19 -7.57 10.98
C LEU A 228 -2.82 -6.33 11.79
N GLY A 229 -3.37 -5.18 11.41
CA GLY A 229 -3.08 -3.96 12.14
C GLY A 229 -3.64 -2.73 11.47
N VAL A 230 -3.56 -1.63 12.21
CA VAL A 230 -4.08 -0.33 11.83
C VAL A 230 -2.96 0.70 11.85
N ALA A 231 -3.00 1.62 10.91
CA ALA A 231 -1.97 2.64 10.76
C ALA A 231 -2.64 3.91 10.34
N GLN A 232 -1.98 5.02 10.62
CA GLN A 232 -2.36 6.32 10.14
C GLN A 232 -1.51 6.58 8.91
N ASP A 233 -2.15 7.05 7.85
CA ASP A 233 -1.46 7.39 6.61
C ASP A 233 -1.34 8.89 6.40
N TYR A 234 -0.50 9.25 5.41
CA TYR A 234 -0.18 10.63 5.04
C TYR A 234 -0.10 10.77 3.53
N LYS A 235 -1.23 11.02 2.89
CA LYS A 235 -1.37 10.96 1.43
C LYS A 235 -0.74 12.12 0.68
N THR A 236 -0.95 13.34 1.17
CA THR A 236 -0.53 14.54 0.44
C THR A 236 0.96 14.76 0.55
N ILE A 237 1.52 15.47 -0.44
CA ILE A 237 2.96 15.75 -0.53
C ILE A 237 3.40 16.70 0.57
N GLY A 238 2.51 17.64 0.91
CA GLY A 238 2.83 18.68 1.88
C GLY A 238 2.30 18.41 3.28
N ASP A 239 2.94 19.03 4.27
CA ASP A 239 2.51 18.97 5.66
C ASP A 239 1.12 19.54 5.81
N ASN A 240 0.45 19.10 6.87
CA ASN A 240 -0.89 19.55 7.19
C ASN A 240 -1.84 19.32 6.03
N ASN A 241 -1.67 18.20 5.33
CA ASN A 241 -2.65 17.80 4.34
C ASN A 241 -2.74 18.77 3.17
N LYS A 242 -1.64 19.41 2.81
CA LYS A 242 -1.64 20.31 1.65
C LYS A 242 -0.99 19.64 0.46
N GLY A 243 -1.40 20.10 -0.72
CA GLY A 243 -0.80 19.74 -1.99
C GLY A 243 -1.42 18.48 -2.57
N PRO A 244 -0.90 18.06 -3.74
CA PRO A 244 -1.48 16.89 -4.40
C PRO A 244 -1.27 15.59 -3.63
N ASN A 245 -2.19 14.65 -3.85
CA ASN A 245 -2.09 13.31 -3.34
C ASN A 245 -0.94 12.51 -3.95
N THR A 246 -0.35 11.65 -3.13
CA THR A 246 0.83 10.86 -3.54
C THR A 246 0.54 9.41 -3.31
N GLY A 247 1.52 8.54 -3.51
CA GLY A 247 1.36 7.14 -3.10
C GLY A 247 1.42 6.93 -1.60
N GLY A 248 1.79 7.97 -0.87
CA GLY A 248 1.92 7.90 0.56
C GLY A 248 3.28 8.42 1.05
N MET A 249 3.28 9.40 1.96
CA MET A 249 4.49 10.10 2.37
C MET A 249 4.97 9.76 3.79
N GLY A 250 4.24 8.90 4.49
CA GLY A 250 4.57 8.50 5.83
C GLY A 250 3.47 7.62 6.43
N SER A 251 3.77 7.07 7.61
CA SER A 251 2.82 6.30 8.34
C SER A 251 3.21 6.19 9.79
N TYR A 252 2.25 5.84 10.64
CA TYR A 252 2.55 5.25 11.94
C TYR A 252 1.51 4.22 12.37
N SER A 253 1.90 3.41 13.35
CA SER A 253 1.03 2.39 13.95
C SER A 253 1.36 2.31 15.43
N LYS A 254 0.32 2.18 16.24
CA LYS A 254 0.47 2.05 17.69
C LYS A 254 -0.85 1.51 18.21
N PRO A 255 -0.87 1.05 19.47
CA PRO A 255 -2.15 0.60 20.01
C PRO A 255 -3.19 1.72 20.06
N ASN A 256 -4.45 1.34 19.83
CA ASN A 256 -5.60 2.19 20.14
C ASN A 256 -5.77 3.40 19.21
N ILE A 257 -5.28 3.30 17.99
CA ILE A 257 -5.65 4.26 16.97
C ILE A 257 -7.19 4.27 16.85
N ILE A 258 -7.78 3.07 16.87
CA ILE A 258 -9.22 2.90 17.04
C ILE A 258 -9.42 1.84 18.14
N THR A 259 -10.62 1.82 18.71
CA THR A 259 -10.94 0.87 19.75
C THR A 259 -11.10 -0.52 19.15
N GLN A 260 -11.10 -1.51 20.03
CA GLN A 260 -11.36 -2.87 19.66
C GLN A 260 -12.79 -3.02 19.13
N GLU A 261 -13.71 -2.23 19.67
CA GLU A 261 -15.09 -2.25 19.22
C GLU A 261 -15.20 -1.81 17.77
N MET A 262 -14.50 -0.73 17.44
CA MET A 262 -14.51 -0.20 16.08
C MET A 262 -13.87 -1.20 15.10
N GLU A 263 -12.78 -1.83 15.52
CA GLU A 263 -12.20 -2.93 14.75
C GLU A 263 -13.26 -3.95 14.39
N HIS A 264 -14.08 -4.32 15.37
CA HIS A 264 -15.14 -5.33 15.17
C HIS A 264 -16.22 -4.83 14.19
N ILE A 265 -16.64 -3.57 14.31
CA ILE A 265 -17.65 -2.98 13.45
C ILE A 265 -17.14 -2.94 12.01
N ILE A 266 -15.88 -2.60 11.86
CA ILE A 266 -15.29 -2.56 10.53
C ILE A 266 -15.31 -3.97 9.89
N ILE A 267 -14.91 -5.00 10.62
CA ILE A 267 -15.00 -6.38 10.13
C ILE A 267 -16.46 -6.77 9.79
N GLN A 268 -17.40 -6.52 10.70
CA GLN A 268 -18.80 -6.94 10.49
C GLN A 268 -19.54 -6.21 9.37
N LYS A 269 -19.31 -4.92 9.23
CA LYS A 269 -20.06 -4.11 8.31
C LYS A 269 -19.37 -3.92 6.96
N ILE A 270 -18.04 -4.04 6.93
CA ILE A 270 -17.31 -3.73 5.71
C ILE A 270 -16.55 -4.93 5.18
N ILE A 271 -15.67 -5.49 6.00
CA ILE A 271 -14.77 -6.54 5.51
C ILE A 271 -15.43 -7.89 5.28
N TYR A 272 -16.16 -8.41 6.28
CA TYR A 272 -16.83 -9.72 6.12
CA TYR A 272 -16.80 -9.73 6.08
C TYR A 272 -17.84 -9.71 4.96
N PRO A 273 -18.67 -8.67 4.90
CA PRO A 273 -19.61 -8.67 3.76
C PRO A 273 -18.90 -8.62 2.42
N THR A 274 -17.78 -7.88 2.34
CA THR A 274 -16.95 -7.94 1.13
C THR A 274 -16.44 -9.37 0.86
N ILE A 275 -15.78 -10.00 1.82
CA ILE A 275 -15.26 -11.37 1.68
C ILE A 275 -16.33 -12.37 1.26
N LYS A 276 -17.51 -12.28 1.89
CA LYS A 276 -18.58 -13.23 1.63
C LYS A 276 -19.15 -13.01 0.23
N ALA A 277 -19.35 -11.77 -0.17
CA ALA A 277 -19.84 -11.47 -1.53
C ALA A 277 -18.88 -12.05 -2.60
N MET A 278 -17.59 -11.78 -2.46
CA MET A 278 -16.62 -12.28 -3.41
C MET A 278 -16.62 -13.84 -3.44
N PHE A 279 -16.73 -14.43 -2.26
CA PHE A 279 -16.69 -15.87 -2.12
C PHE A 279 -17.87 -16.48 -2.82
N ASN A 280 -19.04 -15.90 -2.61
CA ASN A 280 -20.28 -16.40 -3.21
C ASN A 280 -20.38 -16.22 -4.73
N MET A 281 -19.60 -15.31 -5.29
CA MET A 281 -19.58 -15.10 -6.77
C MET A 281 -18.42 -15.86 -7.38
N ASN A 282 -17.83 -16.72 -6.56
CA ASN A 282 -16.75 -17.59 -6.98
C ASN A 282 -15.47 -16.89 -7.35
N ILE A 283 -15.25 -15.72 -6.77
CA ILE A 283 -14.02 -14.97 -7.00
C ILE A 283 -13.46 -14.60 -5.65
N GLN A 284 -13.16 -15.63 -4.85
CA GLN A 284 -12.72 -15.41 -3.49
C GLN A 284 -11.44 -14.57 -3.43
N PHE A 285 -11.35 -13.76 -2.38
CA PHE A 285 -10.19 -12.93 -2.11
C PHE A 285 -9.23 -13.62 -1.18
N ARG A 286 -7.99 -13.75 -1.60
CA ARG A 286 -6.95 -14.34 -0.78
C ARG A 286 -5.67 -13.49 -0.81
N GLY A 287 -5.27 -13.01 0.36
CA GLY A 287 -4.11 -12.13 0.45
C GLY A 287 -4.27 -11.07 1.52
N LEU A 288 -3.69 -9.90 1.28
CA LEU A 288 -3.83 -8.75 2.20
C LEU A 288 -4.84 -7.77 1.61
N LEU A 289 -5.97 -7.66 2.28
CA LEU A 289 -7.01 -6.67 1.98
C LEU A 289 -6.80 -5.42 2.82
N PHE A 290 -6.46 -4.33 2.14
CA PHE A 290 -6.13 -3.08 2.79
C PHE A 290 -7.28 -2.10 2.49
N ALA A 291 -8.10 -1.84 3.51
CA ALA A 291 -9.17 -0.87 3.43
C ALA A 291 -8.71 0.51 3.91
N GLY A 292 -8.99 1.52 3.11
CA GLY A 292 -9.02 2.90 3.59
C GLY A 292 -10.40 3.10 4.19
N ILE A 293 -10.41 3.53 5.44
CA ILE A 293 -11.63 3.69 6.24
C ILE A 293 -11.70 5.11 6.82
N ILE A 294 -12.89 5.71 6.79
CA ILE A 294 -13.12 6.97 7.44
C ILE A 294 -14.21 6.78 8.49
N ILE A 295 -13.96 7.36 9.67
CA ILE A 295 -14.81 7.23 10.83
C ILE A 295 -15.37 8.60 11.27
N LYS A 296 -16.70 8.67 11.35
CA LYS A 296 -17.40 9.86 11.82
C LYS A 296 -18.60 9.42 12.63
N LYS A 297 -18.90 10.16 13.69
CA LYS A 297 -20.02 9.81 14.59
C LYS A 297 -19.97 8.32 14.95
N ASN A 298 -18.76 7.85 15.27
CA ASN A 298 -18.56 6.46 15.64
C ASN A 298 -18.95 5.40 14.58
N GLU A 299 -19.01 5.79 13.30
CA GLU A 299 -19.41 4.86 12.25
C GLU A 299 -18.39 4.88 11.08
N PRO A 300 -17.93 3.68 10.67
CA PRO A 300 -16.95 3.57 9.59
C PRO A 300 -17.57 3.52 8.19
N LYS A 301 -16.93 4.21 7.24
CA LYS A 301 -17.28 4.07 5.82
C LYS A 301 -16.03 3.68 5.06
N LEU A 302 -16.20 2.92 3.98
CA LEU A 302 -15.07 2.47 3.18
C LEU A 302 -14.68 3.56 2.16
N LEU A 303 -13.42 3.99 2.19
CA LEU A 303 -12.93 4.96 1.20
C LEU A 303 -12.59 4.26 -0.10
N GLU A 304 -11.92 3.12 0.01
CA GLU A 304 -11.28 2.42 -1.10
C GLU A 304 -10.66 1.11 -0.64
N TYR A 305 -10.48 0.18 -1.57
CA TYR A 305 -9.73 -1.03 -1.32
C TYR A 305 -8.41 -1.06 -2.10
N ASN A 306 -7.35 -1.46 -1.42
CA ASN A 306 -6.14 -1.93 -2.07
C ASN A 306 -6.02 -3.42 -1.79
N VAL A 307 -5.57 -4.19 -2.77
CA VAL A 307 -5.64 -5.66 -2.69
C VAL A 307 -4.28 -6.27 -2.36
N ARG A 308 -3.48 -5.50 -1.64
CA ARG A 308 -2.10 -5.89 -1.34
C ARG A 308 -1.62 -4.96 -0.22
N PHE A 309 -0.42 -5.23 0.29
CA PHE A 309 0.16 -4.40 1.36
C PHE A 309 0.30 -2.95 0.90
N GLY A 310 0.05 -2.02 1.80
CA GLY A 310 0.22 -0.60 1.54
C GLY A 310 1.63 -0.11 1.79
N ASP A 311 2.09 0.82 0.95
CA ASP A 311 3.39 1.43 1.10
C ASP A 311 3.05 2.92 1.23
N PRO A 312 3.38 3.53 2.37
CA PRO A 312 4.30 3.09 3.41
C PRO A 312 3.71 2.63 4.74
N GLU A 313 2.44 2.26 4.76
CA GLU A 313 1.80 1.80 6.00
C GLU A 313 2.40 0.48 6.49
N THR A 314 2.77 -0.40 5.58
CA THR A 314 3.37 -1.68 5.95
C THR A 314 4.57 -1.48 6.87
N GLN A 315 5.41 -0.53 6.51
CA GLN A 315 6.66 -0.20 7.21
C GLN A 315 6.44 0.09 8.68
N SER A 316 5.28 0.62 9.05
CA SER A 316 5.04 0.93 10.47
CA SER A 316 4.99 0.94 10.46
C SER A 316 4.28 -0.18 11.20
N ILE A 317 3.54 -1.00 10.46
CA ILE A 317 2.77 -2.09 11.09
C ILE A 317 3.65 -3.29 11.39
N LEU A 318 4.49 -3.71 10.44
CA LEU A 318 5.30 -4.90 10.64
C LEU A 318 6.24 -4.88 11.85
N PRO A 319 6.84 -3.71 12.19
CA PRO A 319 7.67 -3.69 13.40
C PRO A 319 6.91 -4.10 14.64
N ARG A 320 5.61 -3.87 14.69
CA ARG A 320 4.82 -4.19 15.88
C ARG A 320 4.39 -5.66 15.96
N LEU A 321 4.67 -6.44 14.91
CA LEU A 321 4.16 -7.83 14.85
C LEU A 321 4.99 -8.76 15.75
N ASN A 322 4.33 -9.37 16.75
CA ASN A 322 4.97 -10.39 17.54
C ASN A 322 4.84 -11.77 16.89
N SER A 323 3.71 -12.03 16.24
CA SER A 323 3.54 -13.26 15.46
C SER A 323 4.55 -13.35 14.31
N ASP A 324 4.81 -14.57 13.85
CA ASP A 324 5.74 -14.84 12.74
C ASP A 324 5.10 -14.40 11.40
N PHE A 325 5.69 -13.39 10.76
CA PHE A 325 5.15 -12.79 9.51
C PHE A 325 5.12 -13.80 8.37
N LEU A 326 6.22 -14.50 8.12
CA LEU A 326 6.26 -15.49 7.01
C LEU A 326 5.20 -16.60 7.22
N LYS A 327 5.06 -17.09 8.44
CA LYS A 327 4.04 -18.12 8.74
C LYS A 327 2.66 -17.60 8.39
N LEU A 328 2.37 -16.37 8.78
CA LEU A 328 1.08 -15.77 8.47
C LEU A 328 0.86 -15.67 6.98
N LEU A 329 1.87 -15.22 6.23
CA LEU A 329 1.75 -15.17 4.76
C LEU A 329 1.48 -16.55 4.15
N SER A 330 2.18 -17.55 4.66
CA SER A 330 2.06 -18.90 4.10
C SER A 330 0.66 -19.45 4.41
N LEU A 331 0.21 -19.27 5.64
CA LEU A 331 -1.10 -19.80 6.04
C LEU A 331 -2.22 -19.13 5.23
N THR A 332 -2.08 -17.83 4.98
CA THR A 332 -3.05 -17.12 4.18
C THR A 332 -3.10 -17.73 2.80
N ALA A 333 -1.94 -17.88 2.18
CA ALA A 333 -1.83 -18.36 0.82
C ALA A 333 -2.42 -19.77 0.74
N LYS A 334 -2.31 -20.55 1.82
CA LYS A 334 -2.77 -21.93 1.83
C LYS A 334 -4.25 -22.05 2.14
N GLY A 335 -4.92 -20.97 2.56
CA GLY A 335 -6.34 -21.07 2.94
C GLY A 335 -6.54 -21.54 4.39
N LYS A 336 -5.52 -21.32 5.22
CA LYS A 336 -5.45 -21.89 6.57
C LYS A 336 -5.34 -20.84 7.70
N LEU A 337 -6.20 -19.83 7.67
CA LEU A 337 -6.26 -18.82 8.75
C LEU A 337 -7.37 -19.10 9.75
N GLY A 338 -8.05 -20.23 9.57
CA GLY A 338 -9.25 -20.56 10.35
C GLY A 338 -9.16 -20.41 11.86
N ASN A 339 -8.11 -20.95 12.45
CA ASN A 339 -7.97 -20.89 13.91
C ASN A 339 -7.23 -19.63 14.38
N GLU A 340 -6.58 -18.95 13.45
CA GLU A 340 -5.42 -18.13 13.78
C GLU A 340 -5.69 -16.69 14.25
N SER A 341 -4.68 -16.13 14.87
CA SER A 341 -4.76 -14.77 15.35
C SER A 341 -3.41 -14.07 15.23
N VAL A 342 -3.45 -12.74 15.22
CA VAL A 342 -2.23 -11.95 15.15
C VAL A 342 -1.99 -11.32 16.51
N GLU A 343 -0.71 -11.25 16.91
CA GLU A 343 -0.33 -10.59 18.14
C GLU A 343 0.57 -9.40 17.82
N LEU A 344 0.18 -8.22 18.32
CA LEU A 344 0.93 -7.00 18.10
C LEU A 344 1.48 -6.53 19.42
N SER A 345 2.68 -5.95 19.40
CA SER A 345 3.25 -5.34 20.60
C SER A 345 2.54 -4.04 20.94
N LYS A 346 2.96 -3.46 22.06
CA LYS A 346 2.45 -2.19 22.53
C LYS A 346 3.31 -0.99 22.07
N LYS A 347 4.34 -1.24 21.28
CA LYS A 347 5.20 -0.17 20.75
C LYS A 347 4.48 0.66 19.68
N ALA A 348 4.96 1.89 19.49
CA ALA A 348 4.58 2.74 18.39
C ALA A 348 5.70 2.63 17.37
N ALA A 349 5.36 2.58 16.09
CA ALA A 349 6.35 2.56 15.02
C ALA A 349 5.97 3.63 14.01
N LEU A 350 6.94 4.18 13.30
CA LEU A 350 6.69 5.36 12.50
C LEU A 350 7.65 5.35 11.33
N CYS A 351 7.14 5.68 10.14
CA CYS A 351 7.94 5.68 8.91
C CYS A 351 7.87 7.05 8.22
N VAL A 352 9.02 7.67 7.93
CA VAL A 352 9.04 8.89 7.12
C VAL A 352 9.60 8.58 5.73
N VAL A 353 8.87 9.00 4.70
CA VAL A 353 9.33 8.85 3.34
C VAL A 353 10.05 10.12 2.89
N VAL A 354 11.22 9.94 2.24
CA VAL A 354 11.92 11.01 1.53
C VAL A 354 11.77 10.79 0.03
N ALA A 355 11.17 11.78 -0.62
CA ALA A 355 10.84 11.75 -2.02
C ALA A 355 11.79 12.64 -2.77
N SER A 356 11.94 12.37 -4.07
CA SER A 356 12.68 13.24 -4.99
C SER A 356 11.85 14.48 -5.29
N ARG A 357 12.51 15.63 -5.23
CA ARG A 357 11.87 16.92 -5.45
C ARG A 357 11.12 16.91 -6.76
N GLY A 358 9.85 17.31 -6.71
CA GLY A 358 8.97 17.31 -7.88
C GLY A 358 7.86 16.30 -7.75
N TYR A 359 8.16 15.16 -7.10
CA TYR A 359 7.18 14.13 -6.84
C TYR A 359 6.00 14.73 -6.07
N PRO A 360 4.75 14.33 -6.36
CA PRO A 360 4.25 13.28 -7.26
C PRO A 360 4.21 13.64 -8.74
N GLY A 361 4.68 14.83 -9.08
CA GLY A 361 4.88 15.22 -10.48
C GLY A 361 6.23 14.74 -10.98
N GLU A 362 6.77 15.43 -11.97
CA GLU A 362 8.04 15.08 -12.59
C GLU A 362 9.16 15.27 -11.58
N TYR A 363 10.06 14.31 -11.47
CA TYR A 363 11.15 14.41 -10.49
C TYR A 363 12.49 14.12 -11.17
N LYS A 364 13.58 14.55 -10.53
CA LYS A 364 14.94 14.32 -11.03
C LYS A 364 15.46 12.98 -10.55
N LYS A 365 15.99 12.19 -11.49
CA LYS A 365 16.66 10.96 -11.15
C LYS A 365 18.13 11.26 -11.22
N ASN A 366 18.95 10.39 -10.63
CA ASN A 366 20.42 10.51 -10.63
C ASN A 366 20.96 11.60 -9.70
N SER A 367 20.12 12.12 -8.82
CA SER A 367 20.60 13.06 -7.79
C SER A 367 21.37 12.31 -6.70
N ILE A 368 22.53 12.84 -6.33
CA ILE A 368 23.43 12.18 -5.38
C ILE A 368 22.92 12.36 -3.95
N ILE A 369 22.84 11.26 -3.21
CA ILE A 369 22.27 11.28 -1.85
C ILE A 369 23.40 10.98 -0.88
N ASN A 370 23.63 11.88 0.07
CA ASN A 370 24.66 11.69 1.11
C ASN A 370 24.02 11.48 2.48
N GLY A 371 24.69 10.69 3.32
CA GLY A 371 24.24 10.45 4.70
C GLY A 371 23.61 9.09 4.97
N ILE A 372 23.34 8.32 3.92
CA ILE A 372 22.68 7.03 4.09
C ILE A 372 23.49 6.12 4.99
N GLU A 373 24.80 6.10 4.77
CA GLU A 373 25.68 5.20 5.53
C GLU A 373 25.71 5.62 7.01
N ASN A 374 25.76 6.93 7.29
CA ASN A 374 25.65 7.40 8.67
C ASN A 374 24.33 6.98 9.36
N ILE A 375 23.21 7.03 8.66
CA ILE A 375 21.91 6.64 9.24
C ILE A 375 21.86 5.13 9.46
N GLU A 376 22.38 4.37 8.50
CA GLU A 376 22.43 2.89 8.60
C GLU A 376 23.30 2.41 9.78
N LYS A 377 24.20 3.26 10.28
CA LYS A 377 25.01 2.93 11.46
C LYS A 377 24.22 3.08 12.77
N LEU A 378 23.08 3.74 12.73
CA LEU A 378 22.29 3.95 13.94
C LEU A 378 21.56 2.67 14.29
N PRO A 379 21.60 2.27 15.56
CA PRO A 379 20.99 0.99 15.97
C PRO A 379 19.47 1.04 16.15
N ASN A 380 18.93 2.20 16.53
CA ASN A 380 17.50 2.34 16.84
C ASN A 380 16.55 2.58 15.62
N VAL A 381 17.11 2.72 14.42
CA VAL A 381 16.29 3.01 13.25
C VAL A 381 16.63 2.12 12.07
N GLN A 382 15.71 2.01 11.14
CA GLN A 382 15.97 1.25 9.96
C GLN A 382 15.85 2.18 8.75
N LEU A 383 16.85 2.18 7.88
CA LEU A 383 16.76 2.88 6.61
C LEU A 383 16.41 1.88 5.52
N LEU A 384 15.35 2.16 4.76
CA LEU A 384 14.92 1.30 3.66
C LEU A 384 15.18 1.96 2.30
N HIS A 385 15.65 1.16 1.35
CA HIS A 385 15.95 1.63 0.01
C HIS A 385 14.74 1.52 -0.87
N ALA A 386 13.92 2.56 -0.81
CA ALA A 386 12.63 2.59 -1.50
C ALA A 386 12.80 2.89 -2.99
N GLY A 387 13.84 3.67 -3.33
CA GLY A 387 14.03 4.12 -4.70
C GLY A 387 15.43 4.64 -5.08
N THR A 388 16.45 3.92 -4.61
CA THR A 388 17.84 4.25 -4.81
C THR A 388 18.49 3.36 -5.87
N ARG A 389 19.65 3.79 -6.35
CA ARG A 389 20.51 2.91 -7.10
C ARG A 389 21.94 3.38 -6.92
N ARG A 390 22.88 2.52 -7.29
CA ARG A 390 24.30 2.89 -7.25
C ARG A 390 24.78 3.42 -8.60
N GLU A 391 25.44 4.58 -8.56
CA GLU A 391 26.11 5.13 -9.74
C GLU A 391 27.50 5.43 -9.26
N GLY A 392 28.48 4.67 -9.76
CA GLY A 392 29.84 4.75 -9.27
C GLY A 392 29.86 4.42 -7.79
N ASN A 393 30.39 5.37 -7.00
CA ASN A 393 30.49 5.24 -5.56
C ASN A 393 29.38 5.96 -4.81
N ASN A 394 28.38 6.44 -5.53
CA ASN A 394 27.27 7.12 -4.90
C ASN A 394 25.96 6.34 -4.89
N TRP A 395 25.14 6.71 -3.91
CA TRP A 395 23.73 6.37 -3.92
C TRP A 395 23.09 7.53 -4.65
N VAL A 396 22.28 7.25 -5.66
CA VAL A 396 21.53 8.27 -6.36
C VAL A 396 20.03 7.95 -6.44
N SER A 397 19.23 8.98 -6.67
CA SER A 397 17.81 8.86 -6.81
C SER A 397 17.42 8.10 -8.09
N ASP A 398 16.38 7.30 -7.98
CA ASP A 398 15.96 6.39 -9.06
C ASP A 398 14.44 6.14 -9.08
N SER A 399 13.70 6.88 -8.28
CA SER A 399 12.25 6.75 -8.23
C SER A 399 11.70 7.96 -7.50
N GLY A 400 10.39 8.05 -7.45
CA GLY A 400 9.74 9.18 -6.80
C GLY A 400 9.94 9.15 -5.31
N ARG A 401 9.75 7.97 -4.72
CA ARG A 401 9.98 7.75 -3.29
C ARG A 401 11.30 7.02 -3.12
N VAL A 402 12.23 7.62 -2.36
CA VAL A 402 13.65 7.21 -2.43
C VAL A 402 14.20 6.50 -1.15
N ILE A 403 13.88 7.05 0.01
CA ILE A 403 14.37 6.53 1.28
C ILE A 403 13.19 6.43 2.23
N ASN A 404 13.18 5.43 3.09
CA ASN A 404 12.32 5.46 4.26
C ASN A 404 13.21 5.43 5.49
N VAL A 405 12.85 6.17 6.53
CA VAL A 405 13.41 5.96 7.85
C VAL A 405 12.30 5.53 8.80
N VAL A 406 12.55 4.42 9.47
CA VAL A 406 11.58 3.80 10.34
C VAL A 406 12.15 3.69 11.76
N ALA A 407 11.33 4.04 12.75
CA ALA A 407 11.72 3.85 14.13
C ALA A 407 10.57 3.34 14.97
N GLN A 408 10.92 2.88 16.14
CA GLN A 408 10.01 2.30 17.10
C GLN A 408 10.31 2.95 18.46
N GLY A 409 9.29 3.07 19.28
CA GLY A 409 9.45 3.56 20.63
C GLY A 409 8.37 3.09 21.58
N GLU A 410 8.52 3.47 22.84
CA GLU A 410 7.55 3.15 23.87
C GLU A 410 6.28 3.96 23.66
N ASN A 411 6.40 5.09 22.99
CA ASN A 411 5.25 5.88 22.58
C ASN A 411 5.54 6.55 21.23
N LEU A 412 4.50 7.12 20.63
CA LEU A 412 4.64 7.72 19.30
C LEU A 412 5.66 8.89 19.28
N ALA A 413 5.63 9.75 20.31
CA ALA A 413 6.58 10.88 20.37
C ALA A 413 8.04 10.41 20.33
N SER A 414 8.34 9.30 21.00
CA SER A 414 9.70 8.79 20.98
C SER A 414 10.07 8.28 19.59
N ALA A 415 9.13 7.58 18.97
CA ALA A 415 9.34 7.00 17.65
C ALA A 415 9.57 8.13 16.67
N LYS A 416 8.75 9.17 16.77
CA LYS A 416 8.87 10.36 15.94
C LYS A 416 10.23 11.05 16.13
N HIS A 417 10.60 11.33 17.36
CA HIS A 417 11.88 12.02 17.63
C HIS A 417 13.05 11.27 16.98
N GLN A 418 13.03 9.93 17.11
CA GLN A 418 14.14 9.10 16.66
C GLN A 418 14.22 9.10 15.13
N ALA A 419 13.08 8.98 14.46
CA ALA A 419 13.02 9.09 13.01
C ALA A 419 13.60 10.42 12.52
N TYR A 420 13.10 11.53 13.05
CA TYR A 420 13.54 12.84 12.63
C TYR A 420 14.99 13.16 13.04
N ALA A 421 15.46 12.65 14.18
CA ALA A 421 16.87 12.82 14.56
C ALA A 421 17.75 12.14 13.52
N ALA A 422 17.39 10.93 13.13
CA ALA A 422 18.13 10.18 12.09
C ALA A 422 18.16 10.93 10.76
N LEU A 423 17.00 11.46 10.38
CA LEU A 423 16.90 12.24 9.15
C LEU A 423 17.76 13.51 9.14
N ASP A 424 18.13 14.05 10.31
CA ASP A 424 19.07 15.16 10.36
C ASP A 424 20.46 14.81 9.81
N LEU A 425 20.80 13.52 9.75
CA LEU A 425 22.03 13.07 9.12
C LEU A 425 21.97 13.00 7.61
N LEU A 426 20.76 13.07 7.04
CA LEU A 426 20.62 13.03 5.58
C LEU A 426 21.09 14.37 4.99
N ASP A 427 21.91 14.29 3.96
CA ASP A 427 22.45 15.43 3.25
C ASP A 427 22.09 15.25 1.78
N TRP A 428 20.84 15.61 1.46
CA TRP A 428 20.30 15.47 0.13
C TRP A 428 19.37 16.63 -0.17
N PRO A 429 19.91 17.71 -0.73
CA PRO A 429 19.08 18.90 -0.97
C PRO A 429 17.89 18.68 -1.93
N ASP A 430 17.92 17.67 -2.81
CA ASP A 430 16.75 17.35 -3.64
C ASP A 430 15.72 16.45 -2.94
N GLY A 431 16.00 16.04 -1.69
CA GLY A 431 15.06 15.21 -0.94
C GLY A 431 13.98 16.07 -0.33
N ILE A 432 12.75 15.55 -0.32
CA ILE A 432 11.59 16.22 0.27
C ILE A 432 10.93 15.25 1.23
N TYR A 433 10.62 15.73 2.43
CA TYR A 433 9.88 14.92 3.41
C TYR A 433 9.00 15.80 4.28
N ARG A 434 7.88 15.24 4.74
CA ARG A 434 6.99 15.97 5.62
C ARG A 434 7.63 15.98 7.01
N TYR A 435 7.39 17.06 7.76
CA TYR A 435 7.82 17.16 9.15
C TYR A 435 6.73 16.79 10.14
N ASP A 436 5.48 16.58 9.67
CA ASP A 436 4.35 16.32 10.57
C ASP A 436 3.95 14.83 10.72
N ILE A 437 4.85 13.92 10.34
CA ILE A 437 4.57 12.49 10.51
C ILE A 437 4.61 12.20 12.02
N GLY A 438 3.45 11.78 12.55
CA GLY A 438 3.29 11.53 13.97
C GLY A 438 2.84 12.71 14.83
N SER A 439 2.58 13.87 14.23
CA SER A 439 2.11 15.05 14.97
C SER A 439 0.61 14.91 15.26
N CYS A 440 0.06 15.76 16.13
CA CYS A 440 -1.34 15.61 16.58
C CYS A 440 -2.40 15.94 15.53
#